data_2V33
#
_entry.id   2V33
#
_cell.length_a   60.343
_cell.length_b   62.659
_cell.length_c   113.735
_cell.angle_alpha   90.00
_cell.angle_beta   90.00
_cell.angle_gamma   90.00
#
_symmetry.space_group_name_H-M   'C 2 2 21'
#
loop_
_entity.id
_entity.type
_entity.pdbx_description
1 polymer 'E1 ENVELOPE GLYCOPROTEIN'
2 non-polymer 'NITRATE ION'
3 water water
#
_entity_poly.entity_id   1
_entity_poly.type   'polypeptide(L)'
_entity_poly.pdbx_seq_one_letter_code
;EAPTIIDLTCTVATCTHSSDFGGVLTLTYKTNKNGDCSVHSHSNVATLQEATAKVKTAGKVTLHFSTASASPSFVVSLCS
ARATCSASCEP
;
_entity_poly.pdbx_strand_id   A,B
#
# COMPACT_ATOMS: atom_id res chain seq x y z
N GLU A 1 2.00 9.29 -19.25
CA GLU A 1 3.28 8.61 -18.92
C GLU A 1 3.74 8.85 -17.48
N ALA A 2 4.41 7.83 -16.92
CA ALA A 2 4.92 7.86 -15.56
C ALA A 2 5.98 8.94 -15.37
N PRO A 3 6.07 9.52 -14.16
CA PRO A 3 7.18 10.40 -13.81
C PRO A 3 8.54 9.74 -14.05
N THR A 4 9.51 10.53 -14.50
CA THR A 4 10.88 10.05 -14.64
C THR A 4 11.60 10.34 -13.33
N ILE A 5 12.10 9.28 -12.69
CA ILE A 5 12.66 9.37 -11.36
C ILE A 5 14.19 9.30 -11.49
N ILE A 6 14.85 10.28 -10.90
CA ILE A 6 16.30 10.44 -11.02
C ILE A 6 16.91 10.50 -9.62
N ASP A 7 18.14 10.00 -9.45
CA ASP A 7 18.84 10.11 -8.15
C ASP A 7 18.14 9.45 -6.98
N LEU A 8 17.44 8.36 -7.26
CA LEU A 8 16.73 7.69 -6.19
C LEU A 8 17.68 7.17 -5.11
N THR A 9 17.40 7.58 -3.87
CA THR A 9 18.15 7.12 -2.70
CA THR A 9 18.16 7.20 -2.69
C THR A 9 17.18 6.84 -1.57
N CYS A 10 17.56 5.91 -0.71
CA CYS A 10 16.74 5.48 0.38
C CYS A 10 17.40 5.75 1.72
N THR A 11 16.58 6.09 2.71
CA THR A 11 17.03 6.20 4.08
C THR A 11 16.01 5.51 4.95
N VAL A 12 16.45 4.56 5.76
CA VAL A 12 15.53 3.94 6.73
C VAL A 12 15.60 4.75 8.00
N ALA A 13 14.47 5.37 8.38
CA ALA A 13 14.47 6.31 9.49
C ALA A 13 14.42 5.57 10.81
N THR A 14 13.57 4.55 10.86
CA THR A 14 13.39 3.74 12.04
C THR A 14 13.10 2.32 11.61
N CYS A 15 13.62 1.39 12.38
CA CYS A 15 13.44 0.01 12.07
C CYS A 15 13.34 -0.79 13.35
N THR A 16 12.20 -1.47 13.50
CA THR A 16 12.06 -2.51 14.49
CA THR A 16 12.03 -2.51 14.50
C THR A 16 11.65 -3.79 13.77
N HIS A 17 12.43 -4.84 13.93
CA HIS A 17 12.12 -6.09 13.28
C HIS A 17 11.04 -6.84 14.05
N SER A 18 9.83 -6.80 13.49
CA SER A 18 8.63 -7.30 14.14
C SER A 18 7.65 -7.77 13.09
N SER A 19 6.52 -8.30 13.57
CA SER A 19 5.48 -8.87 12.69
C SER A 19 4.61 -7.79 12.05
N ASP A 20 4.67 -6.57 12.57
CA ASP A 20 3.93 -5.44 12.01
C ASP A 20 4.85 -4.62 11.11
N PHE A 21 4.32 -3.54 10.52
CA PHE A 21 5.17 -2.63 9.77
C PHE A 21 5.92 -1.74 10.76
N GLY A 22 7.05 -2.25 11.25
CA GLY A 22 7.90 -1.53 12.19
C GLY A 22 8.96 -0.68 11.51
N GLY A 23 8.94 -0.69 10.18
CA GLY A 23 9.91 0.05 9.40
C GLY A 23 9.29 1.25 8.70
N VAL A 24 10.04 2.35 8.74
CA VAL A 24 9.69 3.54 7.98
C VAL A 24 10.91 3.96 7.17
N LEU A 25 10.70 4.20 5.88
CA LEU A 25 11.80 4.62 5.02
C LEU A 25 11.38 5.85 4.21
N THR A 26 12.36 6.64 3.81
CA THR A 26 12.12 7.80 2.97
C THR A 26 12.91 7.60 1.68
N LEU A 27 12.23 7.78 0.54
CA LEU A 27 12.91 7.80 -0.75
C LEU A 27 13.04 9.23 -1.18
N THR A 28 14.25 9.62 -1.55
CA THR A 28 14.47 10.95 -2.12
CA THR A 28 14.55 10.95 -2.07
C THR A 28 14.91 10.80 -3.55
N TYR A 29 14.48 11.76 -4.37
CA TYR A 29 14.68 11.66 -5.82
C TYR A 29 14.43 13.04 -6.41
N LYS A 30 14.79 13.17 -7.68
CA LYS A 30 14.31 14.29 -8.51
C LYS A 30 13.31 13.77 -9.52
N THR A 31 12.30 14.58 -9.84
CA THR A 31 11.36 14.19 -10.89
C THR A 31 10.89 15.35 -11.73
N ASN A 32 10.41 15.04 -12.93
CA ASN A 32 9.92 16.06 -13.87
C ASN A 32 8.52 16.56 -13.57
N LYS A 33 7.72 15.71 -12.92
CA LYS A 33 6.31 16.02 -12.67
C LYS A 33 5.72 15.19 -11.54
N ASN A 34 4.62 15.69 -10.99
CA ASN A 34 3.77 14.90 -10.10
C ASN A 34 3.14 13.73 -10.88
N GLY A 35 2.95 12.61 -10.21
CA GLY A 35 2.32 11.45 -10.82
C GLY A 35 2.30 10.24 -9.92
N ASP A 36 1.69 9.15 -10.39
CA ASP A 36 1.67 7.89 -9.67
C ASP A 36 2.87 7.05 -10.06
N CYS A 37 3.50 6.44 -9.07
CA CYS A 37 4.50 5.42 -9.32
C CYS A 37 4.17 4.16 -8.57
N SER A 38 4.33 3.01 -9.20
CA SER A 38 4.35 1.76 -8.46
C SER A 38 5.62 1.68 -7.63
N VAL A 39 5.51 1.05 -6.48
CA VAL A 39 6.67 0.72 -5.65
C VAL A 39 6.69 -0.79 -5.42
N HIS A 40 7.89 -1.37 -5.48
CA HIS A 40 8.05 -2.82 -5.38
C HIS A 40 9.32 -3.14 -4.64
N SER A 41 9.33 -4.29 -3.98
CA SER A 41 10.57 -4.90 -3.49
C SER A 41 10.36 -6.39 -3.54
N HIS A 42 11.27 -7.09 -4.20
CA HIS A 42 11.26 -8.55 -4.21
C HIS A 42 12.41 -9.06 -3.37
N SER A 43 12.09 -9.29 -2.10
CA SER A 43 13.08 -9.52 -1.06
C SER A 43 12.62 -10.64 -0.15
N ASN A 44 13.55 -11.55 0.17
CA ASN A 44 13.30 -12.58 1.17
C ASN A 44 13.33 -11.99 2.58
N VAL A 45 13.63 -10.68 2.70
CA VAL A 45 13.98 -10.10 3.99
CA VAL A 45 14.00 -10.08 3.99
C VAL A 45 13.06 -8.96 4.47
N ALA A 46 12.41 -8.26 3.55
CA ALA A 46 11.50 -7.19 3.93
C ALA A 46 10.26 -7.22 3.04
N THR A 47 9.15 -6.70 3.57
CA THR A 47 7.88 -6.60 2.82
C THR A 47 7.38 -5.17 2.89
N LEU A 48 7.10 -4.54 1.74
CA LEU A 48 6.56 -3.18 1.74
C LEU A 48 5.08 -3.19 2.06
N GLN A 49 4.63 -2.18 2.80
CA GLN A 49 3.19 -1.95 2.95
C GLN A 49 2.56 -1.48 1.65
N GLU A 50 3.20 -0.51 0.99
CA GLU A 50 2.58 0.17 -0.16
C GLU A 50 2.80 -0.54 -1.49
N ALA A 51 1.87 -0.29 -2.42
CA ALA A 51 1.95 -0.75 -3.79
C ALA A 51 2.23 0.41 -4.73
N THR A 52 1.79 1.59 -4.31
CA THR A 52 1.86 2.79 -5.15
CA THR A 52 1.81 2.79 -5.16
C THR A 52 2.11 4.02 -4.31
N ALA A 53 2.75 5.00 -4.91
CA ALA A 53 3.05 6.25 -4.24
C ALA A 53 2.69 7.42 -5.11
N LYS A 54 2.27 8.49 -4.46
CA LYS A 54 1.97 9.76 -5.12
C LYS A 54 3.26 10.55 -5.13
N VAL A 55 3.95 10.50 -6.26
CA VAL A 55 5.21 11.19 -6.41
C VAL A 55 4.96 12.68 -6.62
N LYS A 56 5.70 13.50 -5.88
CA LYS A 56 5.67 14.95 -5.99
C LYS A 56 7.04 15.50 -6.36
N THR A 57 7.03 16.68 -6.95
CA THR A 57 8.27 17.34 -7.34
C THR A 57 9.15 17.74 -6.15
N ALA A 58 8.55 17.85 -4.96
CA ALA A 58 9.31 18.12 -3.71
C ALA A 58 10.36 17.05 -3.41
N GLY A 59 10.21 15.88 -4.01
CA GLY A 59 11.30 14.91 -4.09
C GLY A 59 11.44 13.94 -2.95
N LYS A 60 10.36 13.70 -2.20
CA LYS A 60 10.36 12.72 -1.09
CA LYS A 60 10.38 12.68 -1.14
C LYS A 60 9.08 11.88 -1.09
N VAL A 61 9.23 10.58 -0.84
CA VAL A 61 8.14 9.60 -0.68
C VAL A 61 8.43 8.83 0.59
N THR A 62 7.44 8.62 1.45
CA THR A 62 7.60 7.83 2.66
C THR A 62 6.89 6.49 2.44
N LEU A 63 7.58 5.40 2.78
CA LEU A 63 7.03 4.06 2.69
C LEU A 63 7.21 3.33 4.00
N HIS A 64 6.43 2.26 4.18
CA HIS A 64 6.51 1.45 5.41
C HIS A 64 6.80 0.02 5.05
N PHE A 65 7.44 -0.70 5.95
CA PHE A 65 7.82 -2.07 5.65
C PHE A 65 7.90 -2.88 6.91
N SER A 66 7.93 -4.19 6.72
CA SER A 66 8.11 -5.10 7.83
CA SER A 66 8.08 -5.13 7.82
C SER A 66 9.31 -5.97 7.50
N THR A 67 10.02 -6.38 8.55
CA THR A 67 11.17 -7.25 8.37
C THR A 67 11.36 -8.18 9.55
N ALA A 68 11.86 -9.40 9.30
CA ALA A 68 12.24 -10.30 10.38
C ALA A 68 13.74 -10.32 10.59
N SER A 69 14.43 -9.41 9.89
CA SER A 69 15.89 -9.29 10.01
C SER A 69 16.29 -8.12 10.87
N ALA A 70 17.42 -8.25 11.56
CA ALA A 70 17.97 -7.11 12.28
C ALA A 70 18.92 -6.32 11.37
N SER A 71 19.24 -6.86 10.19
CA SER A 71 20.16 -6.17 9.26
CA SER A 71 20.17 -6.21 9.26
C SER A 71 19.60 -6.15 7.84
N PRO A 72 18.33 -5.71 7.69
CA PRO A 72 17.74 -5.83 6.36
C PRO A 72 18.39 -4.93 5.31
N SER A 73 18.50 -5.44 4.09
CA SER A 73 18.82 -4.65 2.93
C SER A 73 17.99 -5.17 1.78
N PHE A 74 17.32 -4.25 1.11
CA PHE A 74 16.33 -4.63 0.10
C PHE A 74 16.24 -3.54 -0.94
N VAL A 75 16.12 -3.93 -2.19
CA VAL A 75 16.01 -2.96 -3.28
C VAL A 75 14.56 -2.57 -3.46
N VAL A 76 14.33 -1.27 -3.47
CA VAL A 76 12.99 -0.75 -3.72
C VAL A 76 12.97 -0.02 -5.05
N SER A 77 11.92 -0.27 -5.84
CA SER A 77 11.72 0.51 -7.07
C SER A 77 10.67 1.58 -6.83
N LEU A 78 10.86 2.72 -7.47
CA LEU A 78 9.85 3.77 -7.56
C LEU A 78 9.73 4.08 -9.05
N CYS A 79 8.59 3.78 -9.64
CA CYS A 79 8.52 3.75 -11.10
C CYS A 79 9.68 2.87 -11.63
N SER A 80 10.50 3.37 -12.55
CA SER A 80 11.55 2.51 -13.10
C SER A 80 12.86 2.57 -12.33
N ALA A 81 12.96 3.47 -11.36
CA ALA A 81 14.23 3.69 -10.61
C ALA A 81 14.35 2.69 -9.48
N ARG A 82 15.57 2.29 -9.17
CA ARG A 82 15.82 1.30 -8.12
C ARG A 82 16.90 1.76 -7.18
N ALA A 83 16.65 1.58 -5.88
CA ALA A 83 17.61 2.00 -4.84
C ALA A 83 17.63 0.96 -3.73
N THR A 84 18.79 0.77 -3.10
CA THR A 84 18.91 -0.08 -1.92
C THR A 84 18.50 0.65 -0.66
N CYS A 85 17.64 0.00 0.10
CA CYS A 85 17.30 0.41 1.45
C CYS A 85 18.01 -0.52 2.44
N SER A 86 18.73 0.04 3.39
CA SER A 86 19.48 -0.79 4.33
C SER A 86 19.34 -0.25 5.73
N ALA A 87 19.34 -1.14 6.74
CA ALA A 87 19.23 -0.63 8.12
C ALA A 87 19.76 -1.65 9.10
N SER A 88 20.22 -1.14 10.24
CA SER A 88 20.32 -1.96 11.46
C SER A 88 19.10 -1.65 12.31
N CYS A 89 18.30 -2.68 12.57
CA CYS A 89 17.05 -2.48 13.33
C CYS A 89 17.24 -2.70 14.83
N GLU A 90 16.09 -2.81 15.51
CA GLU A 90 16.04 -3.08 16.94
C GLU A 90 14.90 -4.03 17.20
N PRO A 91 14.97 -4.82 18.28
CA PRO A 91 13.80 -5.66 18.60
C PRO A 91 12.67 -4.81 19.19
N GLU B 1 2.09 -20.77 6.09
CA GLU B 1 0.88 -20.60 5.22
C GLU B 1 0.15 -19.30 5.55
N ALA B 2 -0.51 -18.74 4.53
CA ALA B 2 -1.27 -17.50 4.67
C ALA B 2 -2.49 -17.70 5.58
N PRO B 3 -2.91 -16.63 6.28
CA PRO B 3 -4.17 -16.72 7.03
C PRO B 3 -5.31 -17.08 6.09
N THR B 4 -6.29 -17.81 6.61
CA THR B 4 -7.49 -18.13 5.85
C THR B 4 -8.50 -17.03 6.13
N ILE B 5 -9.03 -16.40 5.09
CA ILE B 5 -9.91 -15.24 5.25
C ILE B 5 -11.34 -15.69 4.91
N ILE B 6 -12.26 -15.41 5.82
CA ILE B 6 -13.65 -15.90 5.74
C ILE B 6 -14.58 -14.71 5.82
N ASP B 7 -15.67 -14.74 5.06
CA ASP B 7 -16.73 -13.72 5.17
C ASP B 7 -16.23 -12.31 4.91
N LEU B 8 -15.38 -12.15 3.90
CA LEU B 8 -14.82 -10.84 3.62
C LEU B 8 -15.90 -9.88 3.14
N THR B 9 -15.97 -8.72 3.80
CA THR B 9 -16.88 -7.67 3.40
CA THR B 9 -16.86 -7.65 3.35
C THR B 9 -16.15 -6.32 3.37
N CYS B 10 -16.63 -5.40 2.56
CA CYS B 10 -15.99 -4.09 2.45
C CYS B 10 -16.99 -2.98 2.72
N THR B 11 -16.50 -1.93 3.37
CA THR B 11 -17.27 -0.69 3.56
CA THR B 11 -17.27 -0.68 3.53
C THR B 11 -16.36 0.48 3.24
N VAL B 12 -16.82 1.40 2.40
CA VAL B 12 -16.05 2.61 2.15
C VAL B 12 -16.52 3.69 3.12
N ALA B 13 -15.59 4.17 3.94
CA ALA B 13 -15.90 5.13 5.01
C ALA B 13 -16.04 6.53 4.44
N THR B 14 -15.05 6.90 3.61
CA THR B 14 -15.04 8.20 2.98
CA THR B 14 -15.02 8.22 2.99
C THR B 14 -14.36 8.10 1.65
N CYS B 15 -14.79 8.99 0.75
N CYS B 15 -14.88 8.82 0.66
CA CYS B 15 -14.29 9.05 -0.57
CA CYS B 15 -14.09 9.08 -0.54
C CYS B 15 -14.49 10.45 -1.15
C CYS B 15 -14.45 10.42 -1.12
N THR B 16 -13.38 11.08 -1.52
CA THR B 16 -13.38 12.20 -2.42
CA THR B 16 -13.44 12.17 -2.45
C THR B 16 -12.66 11.64 -3.64
N HIS B 17 -13.24 11.81 -4.83
CA HIS B 17 -12.51 11.37 -6.00
C HIS B 17 -11.49 12.45 -6.33
N SER B 18 -10.22 12.05 -6.38
CA SER B 18 -9.12 12.98 -6.44
C SER B 18 -7.92 12.29 -7.04
N SER B 19 -6.87 13.06 -7.26
CA SER B 19 -5.61 12.52 -7.73
C SER B 19 -4.81 11.86 -6.59
N ASP B 20 -5.11 12.21 -5.34
CA ASP B 20 -4.44 11.56 -4.20
C ASP B 20 -5.30 10.43 -3.65
N PHE B 21 -4.89 9.83 -2.54
N PHE B 21 -4.83 9.76 -2.61
CA PHE B 21 -5.70 8.82 -1.87
CA PHE B 21 -5.55 8.62 -2.05
C PHE B 21 -6.85 9.47 -1.10
C PHE B 21 -6.74 9.12 -1.23
N GLY B 22 -7.92 9.78 -1.82
N GLY B 22 -6.51 9.41 0.04
CA GLY B 22 -9.12 10.34 -1.22
CA GLY B 22 -7.55 9.98 0.89
C GLY B 22 -10.09 9.32 -0.66
C GLY B 22 -8.84 9.18 0.93
N GLY B 23 -9.76 8.03 -0.81
N GLY B 23 -9.00 8.24 0.00
CA GLY B 23 -10.61 6.98 -0.27
CA GLY B 23 -10.15 7.36 0.05
C GLY B 23 -10.03 6.23 0.92
C GLY B 23 -9.88 6.34 1.14
N VAL B 24 -10.89 5.98 1.91
CA VAL B 24 -10.64 5.05 3.02
C VAL B 24 -11.67 3.92 3.03
N LEU B 25 -11.22 2.67 3.07
CA LEU B 25 -12.15 1.53 3.16
C LEU B 25 -11.77 0.64 4.32
N THR B 26 -12.76 -0.11 4.82
CA THR B 26 -12.51 -1.06 5.89
C THR B 26 -12.97 -2.44 5.40
N LEU B 27 -12.08 -3.42 5.54
CA LEU B 27 -12.45 -4.81 5.25
C LEU B 27 -12.75 -5.49 6.60
N THR B 28 -13.86 -6.21 6.65
CA THR B 28 -14.22 -7.03 7.81
CA THR B 28 -14.18 -7.05 7.81
C THR B 28 -14.15 -8.50 7.40
N TYR B 29 -13.70 -9.37 8.30
CA TYR B 29 -13.54 -10.78 7.95
C TYR B 29 -13.36 -11.55 9.25
N LYS B 30 -13.38 -12.87 9.12
CA LYS B 30 -12.91 -13.77 10.18
C LYS B 30 -11.63 -14.43 9.71
N THR B 31 -10.72 -14.72 10.64
CA THR B 31 -9.51 -15.45 10.27
C THR B 31 -9.09 -16.39 11.39
N ASN B 32 -8.28 -17.38 11.02
CA ASN B 32 -7.76 -18.40 11.95
C ASN B 32 -6.53 -17.97 12.74
N LYS B 33 -5.81 -16.98 12.23
CA LYS B 33 -4.55 -16.51 12.83
C LYS B 33 -4.13 -15.14 12.33
N ASN B 34 -3.29 -14.45 13.11
CA ASN B 34 -2.63 -13.25 12.64
C ASN B 34 -1.66 -13.61 11.54
N GLY B 35 -1.55 -12.77 10.51
CA GLY B 35 -0.60 -13.03 9.43
C GLY B 35 -0.55 -11.91 8.43
N ASP B 36 0.16 -12.14 7.33
CA ASP B 36 0.28 -11.18 6.24
C ASP B 36 -0.57 -11.63 5.08
N CYS B 37 -1.31 -10.68 4.50
CA CYS B 37 -2.01 -10.93 3.26
C CYS B 37 -1.67 -9.85 2.26
N SER B 38 -1.50 -10.26 1.00
CA SER B 38 -1.45 -9.29 -0.09
C SER B 38 -2.84 -8.74 -0.27
N VAL B 39 -2.90 -7.50 -0.72
CA VAL B 39 -4.17 -6.88 -1.13
C VAL B 39 -4.03 -6.37 -2.56
N HIS B 40 -5.11 -6.46 -3.34
CA HIS B 40 -5.07 -6.05 -4.75
C HIS B 40 -6.46 -5.57 -5.15
N SER B 41 -6.49 -4.74 -6.17
N SER B 41 -6.52 -4.45 -5.88
CA SER B 41 -7.69 -4.58 -6.98
CA SER B 41 -7.79 -3.95 -6.46
C SER B 41 -7.27 -4.42 -8.44
C SER B 41 -7.88 -4.49 -7.87
N HIS B 42 -7.80 -5.28 -9.30
N HIS B 42 -9.07 -4.89 -8.28
CA HIS B 42 -7.55 -5.22 -10.73
CA HIS B 42 -9.19 -5.61 -9.52
C HIS B 42 -8.57 -4.32 -11.43
C HIS B 42 -9.90 -4.82 -10.62
N SER B 43 -8.71 -3.11 -10.93
N SER B 43 -9.76 -3.50 -10.57
CA SER B 43 -9.74 -2.20 -11.44
CA SER B 43 -10.43 -2.58 -11.52
C SER B 43 -9.13 -1.01 -12.14
C SER B 43 -9.53 -1.48 -12.09
N ASN B 44 -9.75 -0.62 -13.23
N ASN B 44 -10.03 -0.76 -13.10
CA ASN B 44 -9.39 0.66 -13.79
CA ASN B 44 -9.37 0.45 -13.59
C ASN B 44 -9.78 1.76 -12.80
C ASN B 44 -10.11 1.74 -13.20
N VAL B 45 -10.94 1.62 -12.17
CA VAL B 45 -11.59 2.79 -11.57
CA VAL B 45 -11.66 2.73 -11.56
C VAL B 45 -11.03 3.21 -10.23
N ALA B 46 -10.32 2.32 -9.55
CA ALA B 46 -9.75 2.66 -8.26
C ALA B 46 -8.40 1.99 -8.11
N THR B 47 -7.50 2.67 -7.41
CA THR B 47 -6.19 2.12 -7.17
CA THR B 47 -6.12 2.21 -7.18
C THR B 47 -5.88 2.16 -5.68
N LEU B 48 -5.45 1.00 -5.17
CA LEU B 48 -5.15 0.88 -3.75
C LEU B 48 -3.79 1.47 -3.47
N GLN B 49 -3.67 2.09 -2.31
CA GLN B 49 -2.35 2.52 -1.82
C GLN B 49 -1.51 1.32 -1.43
N GLU B 50 -2.12 0.35 -0.76
CA GLU B 50 -1.43 -0.78 -0.15
C GLU B 50 -1.26 -1.98 -1.06
N ALA B 51 -0.16 -2.71 -0.80
CA ALA B 51 0.16 -4.00 -1.42
C ALA B 51 -0.08 -5.13 -0.42
N THR B 52 0.09 -4.82 0.86
CA THR B 52 -0.02 -5.84 1.88
CA THR B 52 0.06 -5.81 1.93
C THR B 52 -0.72 -5.30 3.13
N ALA B 53 -1.35 -6.21 3.85
CA ALA B 53 -2.04 -5.89 5.07
C ALA B 53 -1.63 -6.88 6.14
N LYS B 54 -1.55 -6.38 7.37
CA LYS B 54 -1.37 -7.21 8.55
C LYS B 54 -2.75 -7.62 9.03
N VAL B 55 -3.05 -8.89 8.83
CA VAL B 55 -4.35 -9.43 9.22
C VAL B 55 -4.34 -9.86 10.67
N LYS B 56 -5.36 -9.43 11.42
CA LYS B 56 -5.50 -9.77 12.83
C LYS B 56 -6.78 -10.54 13.07
N THR B 57 -6.78 -11.37 14.11
CA THR B 57 -8.00 -12.09 14.49
C THR B 57 -9.15 -11.15 14.88
N ALA B 58 -8.84 -9.89 15.21
CA ALA B 58 -9.85 -8.88 15.54
C ALA B 58 -10.79 -8.65 14.34
N GLY B 59 -10.32 -8.99 13.15
CA GLY B 59 -11.19 -9.06 11.97
C GLY B 59 -11.43 -7.81 11.16
N LYS B 60 -10.52 -6.83 11.22
CA LYS B 60 -10.62 -5.58 10.45
C LYS B 60 -9.27 -5.21 9.85
N VAL B 61 -9.31 -4.70 8.63
CA VAL B 61 -8.14 -4.12 7.94
C VAL B 61 -8.61 -2.81 7.33
N THR B 62 -7.79 -1.77 7.41
CA THR B 62 -8.11 -0.49 6.77
C THR B 62 -7.17 -0.29 5.60
N LEU B 63 -7.73 0.06 4.43
CA LEU B 63 -6.95 0.38 3.25
C LEU B 63 -7.30 1.75 2.74
N HIS B 64 -6.45 2.27 1.86
CA HIS B 64 -6.68 3.57 1.24
C HIS B 64 -6.65 3.43 -0.25
N PHE B 65 -7.36 4.33 -0.92
CA PHE B 65 -7.45 4.24 -2.36
C PHE B 65 -7.67 5.60 -2.99
N SER B 66 -7.41 5.66 -4.29
N SER B 66 -7.40 5.68 -4.29
CA SER B 66 -7.64 6.82 -5.12
CA SER B 66 -7.68 6.87 -5.09
C SER B 66 -8.65 6.41 -6.18
C SER B 66 -8.54 6.49 -6.28
N THR B 67 -9.48 7.36 -6.60
CA THR B 67 -10.41 7.18 -7.74
C THR B 67 -10.74 8.51 -8.37
N ALA B 68 -10.96 8.50 -9.69
CA ALA B 68 -11.44 9.68 -10.42
C ALA B 68 -12.94 9.58 -10.64
N SER B 69 -13.51 8.43 -10.25
CA SER B 69 -14.92 8.18 -10.47
C SER B 69 -15.79 8.73 -9.37
N ALA B 70 -16.99 9.17 -9.75
CA ALA B 70 -17.97 9.58 -8.77
C ALA B 70 -18.62 8.38 -8.07
N SER B 71 -18.62 7.23 -8.74
CA SER B 71 -19.34 6.05 -8.26
CA SER B 71 -19.35 6.05 -8.24
C SER B 71 -18.52 4.76 -8.34
N PRO B 72 -17.32 4.75 -7.70
CA PRO B 72 -16.48 3.59 -7.89
C PRO B 72 -17.04 2.34 -7.24
N SER B 73 -16.86 1.24 -7.96
CA SER B 73 -17.05 -0.07 -7.36
C SER B 73 -15.91 -0.93 -7.91
N PHE B 74 -15.23 -1.61 -6.99
CA PHE B 74 -14.04 -2.36 -7.32
C PHE B 74 -13.89 -3.53 -6.38
N VAL B 75 -13.39 -4.64 -6.92
CA VAL B 75 -13.21 -5.84 -6.10
C VAL B 75 -11.82 -5.79 -5.48
N VAL B 76 -11.78 -5.95 -4.16
CA VAL B 76 -10.54 -5.98 -3.41
C VAL B 76 -10.28 -7.41 -2.93
N SER B 77 -9.06 -7.89 -3.10
CA SER B 77 -8.72 -9.20 -2.54
C SER B 77 -7.91 -9.00 -1.27
N LEU B 78 -8.12 -9.88 -0.32
CA LEU B 78 -7.33 -9.96 0.90
C LEU B 78 -6.91 -11.41 0.98
N CYS B 79 -5.61 -11.68 0.77
CA CYS B 79 -5.19 -13.07 0.55
C CYS B 79 -6.03 -13.64 -0.63
N SER B 80 -6.68 -14.80 -0.50
CA SER B 80 -7.46 -15.30 -1.64
CA SER B 80 -7.48 -15.38 -1.59
C SER B 80 -8.92 -14.86 -1.66
N ALA B 81 -9.37 -14.18 -0.60
CA ALA B 81 -10.76 -13.72 -0.50
C ALA B 81 -10.99 -12.48 -1.32
N ARG B 82 -12.20 -12.33 -1.88
CA ARG B 82 -12.53 -11.19 -2.72
C ARG B 82 -13.84 -10.59 -2.27
N ALA B 83 -13.89 -9.26 -2.18
CA ALA B 83 -15.12 -8.54 -1.80
C ALA B 83 -15.27 -7.28 -2.64
N THR B 84 -16.51 -6.92 -2.91
CA THR B 84 -16.82 -5.68 -3.63
C THR B 84 -16.82 -4.49 -2.68
N CYS B 85 -16.06 -3.46 -3.05
CA CYS B 85 -16.12 -2.15 -2.38
C CYS B 85 -16.85 -1.18 -3.29
N SER B 86 -17.83 -0.47 -2.74
CA SER B 86 -18.62 0.41 -3.55
C SER B 86 -18.82 1.72 -2.80
N ALA B 87 -18.88 2.84 -3.55
CA ALA B 87 -19.11 4.12 -2.88
C ALA B 87 -19.62 5.18 -3.83
N SER B 88 -20.35 6.15 -3.26
CA SER B 88 -20.55 7.46 -3.91
C SER B 88 -19.54 8.44 -3.34
N CYS B 89 -18.73 9.07 -4.22
CA CYS B 89 -17.59 9.91 -3.78
C CYS B 89 -17.82 11.38 -4.04
N GLU B 90 -17.49 12.21 -3.05
CA GLU B 90 -17.65 13.65 -3.16
C GLU B 90 -16.62 14.24 -4.13
N PRO B 91 -17.00 15.31 -4.82
CA PRO B 91 -16.01 15.96 -5.66
C PRO B 91 -14.99 16.71 -4.80
#